data_7XJR
#
_entry.id   7XJR
#
_cell.length_a   114.428
_cell.length_b   114.428
_cell.length_c   48.355
_cell.angle_alpha   90.000
_cell.angle_beta   90.000
_cell.angle_gamma   90.000
#
_symmetry.space_group_name_H-M   'P 42 21 2'
#
loop_
_entity.id
_entity.type
_entity.pdbx_description
1 polymer AlXyn26A
2 water water
#
_entity_poly.entity_id   1
_entity_poly.type   'polypeptide(L)'
_entity_poly.pdbx_seq_one_letter_code
;MRKISLIILLLFLQNGFSQETKPRFNYNAKYEPQTGIYHGAGQDKNGFQDYVNAVGQDKMPAIYMTYVNITAPVKRIESW
GKDLKHVLDSLPKGIMPQIGLAFTGGKDTGAGLDKEVANGKYNAQLEAFYKVLLDLDRPSFTRIGYEFEGDWNGYSPESF
KKVFITISKAFEEKNIKSATVWCSGGGSANFIGLEKLMAYYPGNEYVDWWGIDVFSPEEFSNIGLKNFFDTAHTHKKPVM
IGESTPRYVGVLDGEISWNKWFKPFFEMLNDNPGIKAFCYINWDWEYWSNKNGFPWHDWKDARIEKNPFVLEAYKTEMEN
PIFIHLNNKLEHHHHHH
;
_entity_poly.pdbx_strand_id   A
#
# COMPACT_ATOMS: atom_id res chain seq x y z
N THR A 21 -0.84 -5.65 22.49
CA THR A 21 -1.44 -5.72 21.15
C THR A 21 -2.94 -6.04 21.25
N LYS A 22 -3.78 -5.06 20.96
CA LYS A 22 -5.21 -5.27 21.08
C LYS A 22 -5.68 -6.32 20.07
N PRO A 23 -6.56 -7.24 20.49
CA PRO A 23 -7.17 -8.16 19.52
C PRO A 23 -7.83 -7.39 18.38
N ARG A 24 -7.72 -7.94 17.18
CA ARG A 24 -8.27 -7.28 16.00
C ARG A 24 -9.80 -7.33 16.00
N PHE A 25 -10.40 -6.31 15.39
CA PHE A 25 -11.78 -6.46 14.93
C PHE A 25 -11.80 -7.34 13.70
N ASN A 26 -12.97 -7.89 13.38
CA ASN A 26 -13.11 -8.67 12.16
C ASN A 26 -14.35 -8.19 11.41
N TYR A 27 -14.16 -7.78 10.16
CA TYR A 27 -15.24 -7.26 9.33
C TYR A 27 -15.67 -8.23 8.24
N ASN A 28 -15.00 -9.38 8.13
CA ASN A 28 -15.32 -10.40 7.12
C ASN A 28 -15.19 -9.86 5.71
N ALA A 29 -14.24 -8.95 5.49
CA ALA A 29 -13.97 -8.43 4.17
C ALA A 29 -13.18 -9.44 3.35
N LYS A 30 -13.15 -9.21 2.04
CA LYS A 30 -12.42 -10.10 1.13
C LYS A 30 -10.93 -10.15 1.48
N TYR A 31 -10.42 -11.35 1.66
CA TYR A 31 -9.03 -11.62 2.06
C TYR A 31 -8.66 -10.97 3.39
N GLU A 32 -9.62 -10.62 4.22
CA GLU A 32 -9.27 -10.11 5.54
C GLU A 32 -8.97 -11.27 6.46
N PRO A 33 -7.84 -11.26 7.15
CA PRO A 33 -7.57 -12.37 8.08
C PRO A 33 -8.48 -12.27 9.30
N GLN A 34 -8.78 -13.43 9.88
CA GLN A 34 -9.71 -13.48 11.01
C GLN A 34 -9.17 -12.71 12.21
N THR A 35 -7.93 -12.98 12.62
CA THR A 35 -7.44 -12.52 13.91
C THR A 35 -6.14 -11.70 13.88
N GLY A 36 -5.31 -11.78 12.84
CA GLY A 36 -3.99 -11.19 12.86
C GLY A 36 -3.85 -9.98 11.94
N ILE A 37 -2.59 -9.59 11.72
CA ILE A 37 -2.21 -8.51 10.80
C ILE A 37 -1.28 -9.09 9.74
N TYR A 38 -1.66 -8.96 8.47
CA TYR A 38 -0.77 -9.38 7.38
C TYR A 38 0.53 -8.58 7.41
N HIS A 39 1.64 -9.28 7.26
CA HIS A 39 2.97 -8.70 7.13
C HIS A 39 3.26 -8.43 5.66
N GLY A 40 3.51 -7.17 5.31
CA GLY A 40 3.80 -6.80 3.94
C GLY A 40 5.07 -5.98 3.85
N ALA A 41 5.74 -6.06 2.70
CA ALA A 41 6.95 -5.26 2.48
C ALA A 41 7.12 -4.97 0.99
N GLY A 42 8.01 -4.03 0.70
CA GLY A 42 8.27 -3.66 -0.68
C GLY A 42 9.53 -2.81 -0.77
N GLN A 43 9.72 -2.20 -1.94
CA GLN A 43 8.77 -2.28 -3.05
C GLN A 43 9.48 -2.45 -4.40
N ASP A 44 10.49 -3.31 -4.41
CA ASP A 44 11.11 -3.83 -5.61
C ASP A 44 11.61 -5.22 -5.27
N LYS A 45 11.97 -6.00 -6.30
CA LYS A 45 12.29 -7.40 -6.03
C LYS A 45 13.53 -7.53 -5.16
N ASN A 46 14.54 -6.69 -5.36
CA ASN A 46 15.77 -6.89 -4.61
C ASN A 46 15.70 -6.29 -3.20
N GLY A 47 15.05 -5.14 -3.06
CA GLY A 47 14.78 -4.61 -1.72
C GLY A 47 13.93 -5.54 -0.88
N PHE A 48 12.95 -6.19 -1.51
CA PHE A 48 12.14 -7.18 -0.80
C PHE A 48 13.00 -8.35 -0.33
N GLN A 49 13.85 -8.88 -1.22
CA GLN A 49 14.71 -9.99 -0.82
C GLN A 49 15.70 -9.59 0.27
N ASP A 50 16.29 -8.39 0.17
CA ASP A 50 17.20 -7.95 1.22
C ASP A 50 16.50 -7.87 2.56
N TYR A 51 15.26 -7.36 2.57
CA TYR A 51 14.46 -7.28 3.78
C TYR A 51 14.17 -8.67 4.34
N VAL A 52 13.78 -9.61 3.49
CA VAL A 52 13.50 -10.98 3.95
C VAL A 52 14.77 -11.61 4.50
N ASN A 53 15.89 -11.43 3.80
CA ASN A 53 17.17 -11.94 4.30
C ASN A 53 17.50 -11.38 5.68
N ALA A 54 17.09 -10.13 5.93
CA ALA A 54 17.39 -9.48 7.20
C ALA A 54 16.46 -9.93 8.32
N VAL A 55 15.15 -10.02 8.06
CA VAL A 55 14.22 -10.38 9.13
C VAL A 55 14.16 -11.89 9.36
N GLY A 56 14.59 -12.69 8.38
CA GLY A 56 14.59 -14.13 8.54
C GLY A 56 13.64 -14.77 7.56
N GLN A 57 14.05 -15.92 7.00
CA GLN A 57 13.19 -16.59 6.03
C GLN A 57 11.88 -17.05 6.65
N ASP A 58 11.87 -17.31 7.96
CA ASP A 58 10.66 -17.73 8.66
C ASP A 58 9.69 -16.58 8.92
N LYS A 59 10.08 -15.33 8.64
CA LYS A 59 9.17 -14.19 8.74
C LYS A 59 8.94 -13.55 7.38
N MET A 60 8.93 -14.37 6.34
CA MET A 60 8.61 -13.92 4.99
C MET A 60 7.27 -13.19 4.98
N PRO A 61 7.21 -11.99 4.40
CA PRO A 61 5.91 -11.28 4.31
C PRO A 61 4.91 -12.10 3.53
N ALA A 62 3.64 -11.94 3.92
CA ALA A 62 2.54 -12.49 3.14
C ALA A 62 2.21 -11.62 1.94
N ILE A 63 2.63 -10.35 1.96
CA ILE A 63 2.25 -9.35 0.97
C ILE A 63 3.50 -8.77 0.31
N TYR A 64 3.47 -8.65 -1.02
CA TYR A 64 4.55 -8.12 -1.84
C TYR A 64 4.04 -6.91 -2.60
N MET A 65 4.75 -5.78 -2.48
CA MET A 65 4.29 -4.53 -3.05
C MET A 65 4.75 -4.38 -4.49
N THR A 66 3.86 -3.91 -5.35
CA THR A 66 4.17 -3.65 -6.75
C THR A 66 3.29 -2.50 -7.21
N TYR A 67 3.56 -2.02 -8.42
CA TYR A 67 2.95 -0.79 -8.92
C TYR A 67 2.83 -0.86 -10.43
N VAL A 68 1.77 -0.25 -10.96
CA VAL A 68 1.58 -0.18 -12.40
C VAL A 68 0.74 1.06 -12.70
N ASN A 69 1.05 1.72 -13.80
CA ASN A 69 0.32 2.92 -14.19
C ASN A 69 -0.50 2.61 -15.42
N ILE A 70 -1.83 2.78 -15.29
CA ILE A 70 -2.76 2.35 -16.33
C ILE A 70 -2.71 3.22 -17.58
N THR A 71 -1.94 4.30 -17.57
CA THR A 71 -1.80 5.13 -18.75
C THR A 71 -0.53 4.84 -19.54
N ALA A 72 0.26 3.86 -19.11
CA ALA A 72 1.41 3.42 -19.87
C ALA A 72 0.94 2.63 -21.09
N PRO A 73 1.83 2.41 -22.07
CA PRO A 73 1.47 1.57 -23.21
C PRO A 73 1.09 0.17 -22.79
N VAL A 74 0.22 -0.46 -23.59
CA VAL A 74 -0.30 -1.78 -23.26
C VAL A 74 0.83 -2.79 -23.06
N LYS A 75 1.88 -2.69 -23.88
CA LYS A 75 3.00 -3.62 -23.73
C LYS A 75 3.72 -3.44 -22.40
N ARG A 76 3.67 -2.23 -21.82
CA ARG A 76 4.32 -2.03 -20.52
C ARG A 76 3.49 -2.63 -19.39
N ILE A 77 2.17 -2.56 -19.49
CA ILE A 77 1.34 -3.29 -18.55
C ILE A 77 1.56 -4.80 -18.70
N GLU A 78 1.67 -5.27 -19.94
CA GLU A 78 1.93 -6.69 -20.17
C GLU A 78 3.27 -7.11 -19.60
N SER A 79 4.31 -6.29 -19.77
CA SER A 79 5.62 -6.68 -19.24
C SER A 79 5.66 -6.55 -17.72
N TRP A 80 4.95 -5.56 -17.16
CA TRP A 80 4.81 -5.50 -15.71
C TRP A 80 4.25 -6.80 -15.17
N GLY A 81 3.20 -7.32 -15.82
CA GLY A 81 2.58 -8.55 -15.37
C GLY A 81 3.50 -9.74 -15.48
N LYS A 82 4.22 -9.86 -16.60
CA LYS A 82 5.11 -11.00 -16.78
C LYS A 82 6.26 -10.97 -15.77
N ASP A 83 6.88 -9.80 -15.59
CA ASP A 83 7.93 -9.67 -14.59
C ASP A 83 7.39 -10.00 -13.21
N LEU A 84 6.18 -9.56 -12.89
CA LEU A 84 5.60 -9.83 -11.59
C LEU A 84 5.35 -11.33 -11.40
N LYS A 85 4.78 -11.98 -12.41
CA LYS A 85 4.58 -13.43 -12.36
C LYS A 85 5.90 -14.14 -12.07
N HIS A 86 6.95 -13.80 -12.82
CA HIS A 86 8.25 -14.45 -12.64
C HIS A 86 8.76 -14.27 -11.22
N VAL A 87 8.68 -13.05 -10.70
CA VAL A 87 9.17 -12.80 -9.35
C VAL A 87 8.35 -13.59 -8.33
N LEU A 88 7.02 -13.53 -8.45
CA LEU A 88 6.17 -14.26 -7.52
C LEU A 88 6.44 -15.75 -7.59
N ASP A 89 6.59 -16.30 -8.80
CA ASP A 89 6.87 -17.72 -8.94
C ASP A 89 8.26 -18.08 -8.44
N SER A 90 9.17 -17.10 -8.36
CA SER A 90 10.48 -17.35 -7.79
C SER A 90 10.44 -17.45 -6.28
N LEU A 91 9.41 -16.90 -5.65
CA LEU A 91 9.27 -16.85 -4.21
C LEU A 91 8.37 -17.98 -3.74
N PRO A 92 8.33 -18.25 -2.43
CA PRO A 92 7.40 -19.28 -1.93
C PRO A 92 5.97 -18.99 -2.36
N LYS A 93 5.20 -20.07 -2.55
CA LYS A 93 3.83 -19.94 -3.01
C LYS A 93 2.95 -19.31 -1.95
N GLY A 94 1.95 -18.53 -2.39
CA GLY A 94 0.99 -17.94 -1.48
C GLY A 94 1.19 -16.46 -1.19
N ILE A 95 2.25 -15.84 -1.70
CA ILE A 95 2.44 -14.41 -1.52
C ILE A 95 1.35 -13.66 -2.28
N MET A 96 0.79 -12.63 -1.64
CA MET A 96 -0.27 -11.83 -2.24
C MET A 96 0.30 -10.51 -2.75
N PRO A 97 0.20 -10.22 -4.04
CA PRO A 97 0.67 -8.91 -4.52
C PRO A 97 -0.30 -7.83 -4.08
N GLN A 98 0.26 -6.69 -3.70
CA GLN A 98 -0.50 -5.52 -3.29
C GLN A 98 -0.14 -4.45 -4.31
N ILE A 99 -1.08 -4.10 -5.17
CA ILE A 99 -0.80 -3.37 -6.40
C ILE A 99 -1.21 -1.91 -6.21
N GLY A 100 -0.24 -1.02 -6.29
CA GLY A 100 -0.57 0.39 -6.39
C GLY A 100 -0.87 0.71 -7.83
N LEU A 101 -2.16 0.93 -8.15
CA LEU A 101 -2.60 1.16 -9.51
C LEU A 101 -2.85 2.65 -9.68
N ALA A 102 -2.02 3.30 -10.49
CA ALA A 102 -2.12 4.73 -10.71
C ALA A 102 -2.66 4.99 -12.11
N PHE A 103 -3.13 6.22 -12.32
CA PHE A 103 -3.42 6.72 -13.66
C PHE A 103 -2.99 8.19 -13.71
N THR A 104 -1.68 8.40 -13.89
CA THR A 104 -1.09 9.74 -13.89
C THR A 104 -0.14 9.91 -15.08
N GLY A 105 0.03 11.16 -15.50
CA GLY A 105 0.85 11.45 -16.66
C GLY A 105 2.18 12.11 -16.36
N GLY A 106 2.69 11.89 -15.16
CA GLY A 106 3.97 12.45 -14.75
C GLY A 106 4.36 11.89 -13.40
N LYS A 107 5.62 12.13 -13.03
CA LYS A 107 6.16 11.58 -11.78
C LYS A 107 5.90 12.59 -10.66
N ASP A 108 4.74 12.43 -10.00
CA ASP A 108 4.33 13.28 -8.88
C ASP A 108 4.26 14.75 -9.29
N THR A 109 3.70 15.00 -10.47
CA THR A 109 3.59 16.35 -11.02
C THR A 109 2.14 16.84 -11.06
N GLY A 110 1.25 16.19 -10.32
CA GLY A 110 -0.16 16.56 -10.37
C GLY A 110 -0.87 16.19 -11.65
N ALA A 111 -0.29 15.30 -12.46
CA ALA A 111 -0.79 15.02 -13.80
C ALA A 111 -1.77 13.83 -13.78
N GLY A 112 -2.87 14.03 -13.07
CA GLY A 112 -3.89 13.02 -13.03
C GLY A 112 -4.53 12.86 -14.39
N LEU A 113 -4.77 11.60 -14.78
CA LEU A 113 -5.43 11.30 -16.04
C LEU A 113 -6.75 10.57 -15.81
N ASP A 114 -7.38 10.83 -14.66
CA ASP A 114 -8.57 10.07 -14.26
C ASP A 114 -9.77 10.41 -15.13
N LYS A 115 -9.90 11.66 -15.58
CA LYS A 115 -11.03 12.01 -16.44
C LYS A 115 -10.96 11.25 -17.76
N GLU A 116 -9.75 11.08 -18.31
CA GLU A 116 -9.58 10.31 -19.55
C GLU A 116 -9.87 8.83 -19.33
N VAL A 117 -9.39 8.27 -18.22
CA VAL A 117 -9.69 6.88 -17.92
C VAL A 117 -11.20 6.68 -17.76
N ALA A 118 -11.85 7.61 -17.05
CA ALA A 118 -13.30 7.54 -16.89
C ALA A 118 -14.03 7.55 -18.22
N ASN A 119 -13.42 8.10 -19.26
CA ASN A 119 -14.05 8.28 -20.56
C ASN A 119 -13.69 7.19 -21.57
N GLY A 120 -12.93 6.18 -21.17
CA GLY A 120 -12.67 5.05 -22.03
C GLY A 120 -11.34 5.07 -22.74
N LYS A 121 -10.56 6.14 -22.60
CA LYS A 121 -9.35 6.32 -23.39
C LYS A 121 -8.30 5.26 -23.10
N TYR A 122 -8.36 4.61 -21.93
CA TYR A 122 -7.38 3.61 -21.55
C TYR A 122 -8.04 2.26 -21.34
N ASN A 123 -9.16 2.02 -22.01
CA ASN A 123 -9.86 0.74 -21.86
C ASN A 123 -8.97 -0.42 -22.27
N ALA A 124 -8.12 -0.23 -23.28
CA ALA A 124 -7.23 -1.31 -23.69
C ALA A 124 -6.25 -1.66 -22.59
N GLN A 125 -5.71 -0.64 -21.92
CA GLN A 125 -4.81 -0.86 -20.79
C GLN A 125 -5.52 -1.55 -19.64
N LEU A 126 -6.74 -1.12 -19.32
CA LEU A 126 -7.53 -1.79 -18.28
C LEU A 126 -7.75 -3.26 -18.62
N GLU A 127 -8.06 -3.56 -19.89
CA GLU A 127 -8.23 -4.95 -20.27
C GLU A 127 -6.94 -5.73 -20.05
N ALA A 128 -5.80 -5.11 -20.36
CA ALA A 128 -4.53 -5.80 -20.15
C ALA A 128 -4.31 -6.05 -18.67
N PHE A 129 -4.69 -5.08 -17.83
CA PHE A 129 -4.54 -5.21 -16.38
C PHE A 129 -5.42 -6.34 -15.85
N TYR A 130 -6.69 -6.39 -16.27
CA TYR A 130 -7.56 -7.51 -15.87
C TYR A 130 -6.98 -8.85 -16.26
N LYS A 131 -6.42 -8.93 -17.47
CA LYS A 131 -5.85 -10.18 -17.95
C LYS A 131 -4.67 -10.61 -17.10
N VAL A 132 -3.83 -9.67 -16.69
CA VAL A 132 -2.72 -10.03 -15.79
C VAL A 132 -3.26 -10.62 -14.52
N LEU A 133 -4.31 -10.01 -13.95
CA LEU A 133 -4.84 -10.49 -12.68
C LEU A 133 -5.46 -11.86 -12.85
N LEU A 134 -6.13 -12.09 -13.98
CA LEU A 134 -6.71 -13.40 -14.22
C LEU A 134 -5.61 -14.44 -14.48
N ASP A 135 -4.52 -14.03 -15.15
CA ASP A 135 -3.40 -14.94 -15.37
C ASP A 135 -2.70 -15.30 -14.06
N LEU A 136 -2.54 -14.32 -13.16
CA LEU A 136 -1.92 -14.60 -11.86
C LEU A 136 -2.76 -15.58 -11.06
N ASP A 137 -4.09 -15.44 -11.12
CA ASP A 137 -5.02 -16.43 -10.55
C ASP A 137 -4.71 -16.72 -9.09
N ARG A 138 -4.54 -15.65 -8.31
CA ARG A 138 -4.21 -15.80 -6.90
C ARG A 138 -4.68 -14.56 -6.15
N PRO A 139 -4.96 -14.70 -4.86
CA PRO A 139 -5.42 -13.55 -4.07
C PRO A 139 -4.40 -12.42 -4.13
N SER A 140 -4.93 -11.20 -4.12
CA SER A 140 -4.13 -9.99 -4.29
C SER A 140 -4.97 -8.82 -3.81
N PHE A 141 -4.33 -7.66 -3.73
CA PHE A 141 -5.00 -6.41 -3.41
C PHE A 141 -4.67 -5.40 -4.50
N THR A 142 -5.66 -4.58 -4.88
CA THR A 142 -5.45 -3.47 -5.79
C THR A 142 -5.84 -2.18 -5.10
N ARG A 143 -4.86 -1.30 -4.84
CA ARG A 143 -5.15 0.04 -4.35
C ARG A 143 -5.43 0.91 -5.56
N ILE A 144 -6.71 1.08 -5.89
CA ILE A 144 -7.12 1.78 -7.10
C ILE A 144 -6.93 3.27 -6.91
N GLY A 145 -6.04 3.87 -7.69
CA GLY A 145 -5.77 5.29 -7.57
C GLY A 145 -5.30 5.62 -6.16
N TYR A 146 -4.29 4.89 -5.70
CA TYR A 146 -3.78 5.06 -4.34
C TYR A 146 -3.37 6.51 -4.08
N GLU A 147 -3.51 6.91 -2.82
CA GLU A 147 -3.32 8.30 -2.39
C GLU A 147 -4.18 9.24 -3.23
N PHE A 148 -5.49 8.93 -3.23
CA PHE A 148 -6.41 9.56 -4.19
C PHE A 148 -6.51 11.07 -4.00
N GLU A 149 -6.27 11.58 -2.80
CA GLU A 149 -6.51 12.99 -2.54
C GLU A 149 -5.23 13.83 -2.55
N GLY A 150 -4.06 13.23 -2.80
CA GLY A 150 -2.83 14.00 -2.82
C GLY A 150 -2.75 14.88 -4.04
N ASP A 151 -2.21 16.09 -3.86
CA ASP A 151 -2.13 17.00 -5.01
C ASP A 151 -1.05 16.58 -6.00
N TRP A 152 -0.12 15.72 -5.58
CA TRP A 152 0.83 15.16 -6.54
C TRP A 152 0.15 14.25 -7.57
N ASN A 153 -1.03 13.73 -7.25
CA ASN A 153 -1.75 12.90 -8.21
C ASN A 153 -2.81 13.68 -8.97
N GLY A 154 -3.39 14.71 -8.35
CA GLY A 154 -4.36 15.55 -9.04
C GLY A 154 -5.57 14.84 -9.58
N TYR A 155 -6.11 13.87 -8.83
CA TYR A 155 -7.36 13.23 -9.20
C TYR A 155 -8.55 14.11 -8.85
N SER A 156 -9.60 14.02 -9.65
CA SER A 156 -10.83 14.74 -9.33
C SER A 156 -11.87 13.79 -8.76
N PRO A 157 -12.60 14.24 -7.72
CA PRO A 157 -13.50 13.31 -7.00
C PRO A 157 -14.47 12.53 -7.88
N GLU A 158 -15.17 13.20 -8.79
CA GLU A 158 -16.23 12.52 -9.53
C GLU A 158 -15.67 11.51 -10.51
N SER A 159 -14.56 11.86 -11.18
CA SER A 159 -13.94 10.92 -12.10
C SER A 159 -13.22 9.80 -11.35
N PHE A 160 -12.63 10.12 -10.19
CA PHE A 160 -12.01 9.06 -9.38
C PHE A 160 -13.04 8.00 -9.00
N LYS A 161 -14.20 8.42 -8.50
CA LYS A 161 -15.23 7.47 -8.08
C LYS A 161 -15.70 6.61 -9.25
N LYS A 162 -15.83 7.21 -10.43
CA LYS A 162 -16.33 6.45 -11.59
C LYS A 162 -15.35 5.36 -11.98
N VAL A 163 -14.06 5.69 -12.01
CA VAL A 163 -13.03 4.71 -12.31
C VAL A 163 -13.02 3.62 -11.26
N PHE A 164 -13.07 4.00 -9.98
CA PHE A 164 -13.07 3.01 -8.90
C PHE A 164 -14.21 2.03 -9.07
N ILE A 165 -15.43 2.56 -9.25
CA ILE A 165 -16.61 1.71 -9.40
C ILE A 165 -16.48 0.81 -10.62
N THR A 166 -15.98 1.37 -11.73
CA THR A 166 -15.81 0.59 -12.94
C THR A 166 -14.87 -0.60 -12.72
N ILE A 167 -13.74 -0.36 -12.08
CA ILE A 167 -12.78 -1.44 -11.88
C ILE A 167 -13.33 -2.46 -10.89
N SER A 168 -14.04 -1.99 -9.86
CA SER A 168 -14.59 -2.88 -8.85
C SER A 168 -15.67 -3.78 -9.45
N LYS A 169 -16.53 -3.22 -10.30
CA LYS A 169 -17.54 -4.04 -10.98
C LYS A 169 -16.90 -5.01 -11.97
N ALA A 170 -15.83 -4.59 -12.64
CA ALA A 170 -15.14 -5.51 -13.54
C ALA A 170 -14.51 -6.67 -12.79
N PHE A 171 -13.91 -6.40 -11.62
CA PHE A 171 -13.38 -7.47 -10.77
C PHE A 171 -14.47 -8.50 -10.47
N GLU A 172 -15.65 -8.04 -10.05
CA GLU A 172 -16.73 -8.95 -9.68
C GLU A 172 -17.27 -9.70 -10.89
N GLU A 173 -17.47 -9.00 -12.01
CA GLU A 173 -18.00 -9.65 -13.22
C GLU A 173 -17.04 -10.72 -13.73
N LYS A 174 -15.74 -10.49 -13.63
CA LYS A 174 -14.73 -11.43 -14.10
C LYS A 174 -14.27 -12.42 -13.03
N ASN A 175 -14.86 -12.36 -11.83
CA ASN A 175 -14.41 -13.12 -10.66
C ASN A 175 -12.90 -13.05 -10.51
N ILE A 176 -12.38 -11.83 -10.56
CA ILE A 176 -10.96 -11.62 -10.33
C ILE A 176 -10.67 -11.75 -8.84
N LYS A 177 -9.58 -12.47 -8.52
CA LYS A 177 -9.12 -12.69 -7.17
C LYS A 177 -8.30 -11.48 -6.69
N SER A 178 -9.01 -10.38 -6.48
CA SER A 178 -8.35 -9.17 -5.97
C SER A 178 -9.34 -8.38 -5.15
N ALA A 179 -8.89 -7.91 -3.97
CA ALA A 179 -9.71 -7.08 -3.11
C ALA A 179 -9.36 -5.63 -3.41
N THR A 180 -10.37 -4.77 -3.56
CA THR A 180 -10.12 -3.35 -3.78
C THR A 180 -9.76 -2.66 -2.48
N VAL A 181 -8.84 -1.70 -2.56
CA VAL A 181 -8.41 -0.92 -1.41
C VAL A 181 -8.54 0.56 -1.76
N TRP A 182 -9.25 1.30 -0.92
CA TRP A 182 -9.45 2.74 -1.08
C TRP A 182 -8.47 3.40 -0.12
N CYS A 183 -7.37 3.94 -0.67
CA CYS A 183 -6.16 4.20 0.11
C CYS A 183 -5.84 5.69 0.15
N SER A 184 -5.91 6.28 1.34
CA SER A 184 -5.71 7.72 1.49
C SER A 184 -4.24 8.06 1.62
N GLY A 185 -3.88 9.27 1.18
CA GLY A 185 -2.54 9.77 1.37
C GLY A 185 -2.26 10.26 2.76
N GLY A 186 -3.28 10.30 3.62
CA GLY A 186 -3.07 10.57 5.03
C GLY A 186 -2.42 11.91 5.31
N GLY A 187 -1.45 11.90 6.23
CA GLY A 187 -0.82 13.13 6.66
C GLY A 187 -0.09 13.85 5.54
N SER A 188 0.43 13.11 4.55
CA SER A 188 1.14 13.75 3.45
C SER A 188 0.21 14.66 2.66
N ALA A 189 -1.09 14.36 2.67
CA ALA A 189 -2.12 15.18 2.06
C ALA A 189 -2.88 16.00 3.10
N ASN A 190 -2.28 16.22 4.28
CA ASN A 190 -2.75 17.17 5.29
C ASN A 190 -4.02 16.71 6.00
N PHE A 191 -4.28 15.41 6.06
CA PHE A 191 -5.42 14.84 6.80
C PHE A 191 -6.70 15.63 6.56
N ILE A 192 -7.17 15.63 5.30
CA ILE A 192 -8.36 16.40 4.98
C ILE A 192 -9.55 15.86 5.77
N GLY A 193 -10.51 16.75 6.06
CA GLY A 193 -11.65 16.37 6.86
C GLY A 193 -12.48 15.28 6.22
N LEU A 194 -13.37 14.69 7.03
CA LEU A 194 -14.13 13.53 6.56
C LEU A 194 -15.06 13.89 5.41
N GLU A 195 -15.67 15.07 5.46
CA GLU A 195 -16.52 15.49 4.35
C GLU A 195 -15.73 15.54 3.05
N LYS A 196 -14.51 16.08 3.09
CA LYS A 196 -13.69 16.11 1.87
C LYS A 196 -13.28 14.70 1.45
N LEU A 197 -12.95 13.83 2.41
CA LEU A 197 -12.59 12.46 2.06
C LEU A 197 -13.75 11.73 1.40
N MET A 198 -14.97 11.94 1.90
CA MET A 198 -16.11 11.22 1.38
C MET A 198 -16.47 11.65 -0.04
N ALA A 199 -16.03 12.82 -0.48
CA ALA A 199 -16.23 13.20 -1.87
C ALA A 199 -15.55 12.20 -2.81
N TYR A 200 -14.49 11.56 -2.36
CA TYR A 200 -13.76 10.55 -3.12
C TYR A 200 -14.27 9.13 -2.87
N TYR A 201 -15.25 8.93 -2.00
CA TYR A 201 -15.58 7.59 -1.55
C TYR A 201 -16.65 6.97 -2.44
N PRO A 202 -16.38 5.81 -3.06
CA PRO A 202 -17.36 5.24 -3.98
C PRO A 202 -18.51 4.50 -3.32
N GLY A 203 -18.47 4.26 -2.02
CA GLY A 203 -19.53 3.51 -1.37
C GLY A 203 -19.04 2.17 -0.88
N ASN A 204 -19.62 1.71 0.25
CA ASN A 204 -19.17 0.48 0.89
C ASN A 204 -19.30 -0.73 -0.03
N GLU A 205 -20.29 -0.73 -0.92
CA GLU A 205 -20.48 -1.90 -1.75
C GLU A 205 -19.34 -2.14 -2.73
N TYR A 206 -18.53 -1.12 -3.04
CA TYR A 206 -17.47 -1.27 -4.02
C TYR A 206 -16.07 -1.35 -3.41
N VAL A 207 -15.95 -1.25 -2.09
CA VAL A 207 -14.68 -1.12 -1.39
C VAL A 207 -14.54 -2.32 -0.47
N ASP A 208 -13.45 -3.09 -0.63
CA ASP A 208 -13.23 -4.20 0.28
C ASP A 208 -12.46 -3.76 1.53
N TRP A 209 -11.37 -3.02 1.35
CA TRP A 209 -10.56 -2.49 2.44
C TRP A 209 -10.40 -0.99 2.32
N TRP A 210 -10.23 -0.33 3.46
CA TRP A 210 -9.67 1.02 3.47
C TRP A 210 -8.15 0.94 3.60
N GLY A 211 -7.49 2.03 3.24
CA GLY A 211 -6.04 2.08 3.37
C GLY A 211 -5.56 3.47 3.70
N ILE A 212 -4.40 3.56 4.35
CA ILE A 212 -3.78 4.86 4.60
C ILE A 212 -2.28 4.68 4.60
N ASP A 213 -1.57 5.69 4.11
CA ASP A 213 -0.12 5.64 4.08
C ASP A 213 0.45 6.54 5.18
N VAL A 214 1.45 6.04 5.88
CA VAL A 214 1.97 6.69 7.08
C VAL A 214 3.47 6.90 6.92
N PHE A 215 3.92 8.16 6.96
CA PHE A 215 5.28 8.48 6.57
C PHE A 215 6.02 9.35 7.60
N SER A 216 5.69 10.64 7.68
CA SER A 216 6.39 11.51 8.63
C SER A 216 6.04 11.16 10.07
N PRO A 217 7.02 11.19 10.99
CA PRO A 217 6.75 10.75 12.36
C PRO A 217 5.70 11.57 13.10
N GLU A 218 5.51 12.85 12.75
CA GLU A 218 4.46 13.64 13.39
C GLU A 218 3.07 13.08 13.10
N GLU A 219 2.92 12.31 12.02
CA GLU A 219 1.59 11.83 11.68
C GLU A 219 1.02 10.94 12.78
N PHE A 220 1.88 10.26 13.53
CA PHE A 220 1.39 9.26 14.48
C PHE A 220 0.54 9.89 15.58
N SER A 221 0.86 11.12 15.98
CA SER A 221 0.13 11.79 17.05
C SER A 221 -0.90 12.79 16.53
N ASN A 222 -1.14 12.84 15.22
CA ASN A 222 -2.09 13.79 14.67
C ASN A 222 -3.51 13.24 14.84
N ILE A 223 -4.42 14.12 15.27
CA ILE A 223 -5.79 13.67 15.52
C ILE A 223 -6.44 13.17 14.24
N GLY A 224 -5.97 13.66 13.09
CA GLY A 224 -6.51 13.20 11.83
C GLY A 224 -6.34 11.72 11.62
N LEU A 225 -5.24 11.14 12.13
CA LEU A 225 -5.03 9.71 12.01
C LEU A 225 -6.07 8.95 12.82
N LYS A 226 -6.29 9.35 14.07
CA LYS A 226 -7.32 8.72 14.90
C LYS A 226 -8.68 8.81 14.24
N ASN A 227 -9.02 10.00 13.72
CA ASN A 227 -10.33 10.18 13.08
C ASN A 227 -10.51 9.24 11.89
N PHE A 228 -9.44 9.01 11.14
CA PHE A 228 -9.52 8.09 10.00
C PHE A 228 -9.84 6.68 10.47
N PHE A 229 -9.14 6.20 11.50
CA PHE A 229 -9.42 4.87 12.01
C PHE A 229 -10.84 4.77 12.55
N ASP A 230 -11.30 5.83 13.22
CA ASP A 230 -12.65 5.86 13.78
C ASP A 230 -13.71 5.65 12.70
N THR A 231 -13.56 6.34 11.57
CA THR A 231 -14.59 6.25 10.54
C THR A 231 -14.44 5.01 9.67
N ALA A 232 -13.21 4.51 9.48
CA ALA A 232 -13.08 3.19 8.84
C ALA A 232 -13.86 2.15 9.62
N HIS A 233 -13.80 2.21 10.95
CA HIS A 233 -14.45 1.19 11.76
C HIS A 233 -15.96 1.25 11.61
N THR A 234 -16.53 2.46 11.58
CA THR A 234 -17.99 2.56 11.42
C THR A 234 -18.44 2.40 9.98
N HIS A 235 -17.54 2.45 8.99
CA HIS A 235 -17.85 1.91 7.67
C HIS A 235 -17.70 0.40 7.62
N LYS A 236 -17.25 -0.21 8.72
CA LYS A 236 -17.11 -1.67 8.84
C LYS A 236 -16.13 -2.23 7.81
N LYS A 237 -15.00 -1.54 7.64
CA LYS A 237 -13.95 -1.94 6.71
C LYS A 237 -12.62 -2.08 7.46
N PRO A 238 -11.87 -3.15 7.20
CA PRO A 238 -10.52 -3.24 7.75
C PRO A 238 -9.61 -2.22 7.08
N VAL A 239 -8.52 -1.91 7.76
CA VAL A 239 -7.56 -0.90 7.31
C VAL A 239 -6.25 -1.59 7.00
N MET A 240 -5.67 -1.25 5.85
CA MET A 240 -4.31 -1.61 5.47
C MET A 240 -3.46 -0.36 5.55
N ILE A 241 -2.27 -0.47 6.15
CA ILE A 241 -1.26 0.57 5.99
C ILE A 241 -0.62 0.28 4.64
N GLY A 242 -1.10 0.98 3.60
CA GLY A 242 -0.75 0.60 2.24
C GLY A 242 0.70 0.89 1.89
N GLU A 243 1.32 1.83 2.60
CA GLU A 243 2.71 2.24 2.42
C GLU A 243 3.19 2.82 3.74
N SER A 244 4.41 2.48 4.14
CA SER A 244 4.98 3.14 5.30
C SER A 244 6.49 3.12 5.14
N THR A 245 7.14 4.14 5.70
CA THR A 245 8.60 4.21 5.73
C THR A 245 8.96 5.29 6.73
N PRO A 246 10.13 5.22 7.37
CA PRO A 246 10.53 6.25 8.37
C PRO A 246 10.99 7.55 7.70
N ARG A 247 10.04 8.23 7.07
CA ARG A 247 10.38 9.37 6.23
C ARG A 247 10.99 10.50 7.05
N TYR A 248 12.14 11.00 6.60
CA TYR A 248 12.91 12.05 7.28
C TYR A 248 13.56 11.55 8.56
N VAL A 249 13.49 10.25 8.82
CA VAL A 249 14.14 9.64 9.98
C VAL A 249 15.16 8.59 9.54
N GLY A 250 14.75 7.65 8.70
CA GLY A 250 15.68 6.61 8.30
C GLY A 250 15.98 5.65 9.44
N VAL A 251 17.04 4.86 9.25
CA VAL A 251 17.44 3.84 10.23
C VAL A 251 18.81 4.09 10.80
N LEU A 252 19.59 5.03 10.27
CA LEU A 252 21.03 5.03 10.51
C LEU A 252 21.42 5.58 11.87
N ASP A 253 20.48 6.13 12.63
CA ASP A 253 20.80 6.66 13.96
C ASP A 253 20.41 5.70 15.08
N GLY A 254 20.13 4.44 14.75
CA GLY A 254 20.01 3.41 15.78
C GLY A 254 18.82 3.64 16.67
N GLU A 255 19.07 3.66 17.99
CA GLU A 255 17.99 3.84 18.95
C GLU A 255 17.25 5.15 18.71
N ILE A 256 17.93 6.18 18.22
CA ILE A 256 17.27 7.45 17.93
C ILE A 256 16.25 7.27 16.81
N SER A 257 16.64 6.58 15.73
CA SER A 257 15.71 6.31 14.65
C SER A 257 14.56 5.43 15.13
N TRP A 258 14.88 4.37 15.88
CA TRP A 258 13.84 3.47 16.37
C TRP A 258 12.78 4.24 17.16
N ASN A 259 13.22 5.03 18.16
CA ASN A 259 12.29 5.71 19.04
C ASN A 259 11.49 6.78 18.30
N LYS A 260 12.07 7.40 17.27
CA LYS A 260 11.38 8.50 16.61
C LYS A 260 10.28 8.01 15.69
N TRP A 261 10.50 6.92 14.96
CA TRP A 261 9.52 6.43 14.00
C TRP A 261 9.01 5.03 14.30
N PHE A 262 9.91 4.07 14.51
CA PHE A 262 9.46 2.68 14.59
C PHE A 262 8.66 2.42 15.84
N LYS A 263 9.07 3.00 16.97
CA LYS A 263 8.33 2.81 18.21
C LYS A 263 6.89 3.29 18.09
N PRO A 264 6.61 4.52 17.65
CA PRO A 264 5.19 4.90 17.42
C PRO A 264 4.50 4.10 16.32
N PHE A 265 5.23 3.65 15.29
CA PHE A 265 4.61 2.81 14.27
C PHE A 265 4.03 1.54 14.87
N PHE A 266 4.82 0.81 15.64
CA PHE A 266 4.30 -0.45 16.18
C PHE A 266 3.28 -0.20 17.28
N GLU A 267 3.41 0.90 18.03
CA GLU A 267 2.33 1.33 18.92
C GLU A 267 1.04 1.55 18.15
N MET A 268 1.12 2.22 16.98
CA MET A 268 -0.07 2.43 16.15
C MET A 268 -0.73 1.10 15.77
N LEU A 269 0.08 0.13 15.36
CA LEU A 269 -0.49 -1.17 14.99
C LEU A 269 -1.14 -1.85 16.19
N ASN A 270 -0.52 -1.73 17.37
CA ASN A 270 -1.07 -2.36 18.57
C ASN A 270 -2.40 -1.72 18.97
N ASP A 271 -2.51 -0.39 18.83
CA ASP A 271 -3.58 0.38 19.46
C ASP A 271 -4.86 0.45 18.64
N ASN A 272 -4.83 0.07 17.37
CA ASN A 272 -5.97 0.29 16.50
C ASN A 272 -6.43 -1.06 15.96
N PRO A 273 -7.47 -1.66 16.55
CA PRO A 273 -7.82 -3.04 16.23
C PRO A 273 -8.33 -3.24 14.81
N GLY A 274 -8.69 -2.17 14.09
CA GLY A 274 -9.11 -2.28 12.70
C GLY A 274 -7.98 -2.43 11.70
N ILE A 275 -6.74 -2.27 12.12
CA ILE A 275 -5.61 -2.44 11.19
C ILE A 275 -5.36 -3.94 11.02
N LYS A 276 -5.46 -4.42 9.79
CA LYS A 276 -5.32 -5.84 9.51
C LYS A 276 -4.22 -6.14 8.51
N ALA A 277 -3.45 -5.13 8.09
CA ALA A 277 -2.31 -5.36 7.22
C ALA A 277 -1.42 -4.12 7.27
N PHE A 278 -0.12 -4.32 7.08
CA PHE A 278 0.81 -3.20 6.94
C PHE A 278 1.86 -3.56 5.89
N CYS A 279 2.36 -2.52 5.21
CA CYS A 279 3.35 -2.68 4.14
C CYS A 279 4.50 -1.72 4.42
N TYR A 280 5.68 -2.28 4.68
CA TYR A 280 6.89 -1.50 4.98
C TYR A 280 7.78 -1.41 3.74
N ILE A 281 8.19 -0.20 3.39
CA ILE A 281 9.02 0.03 2.20
C ILE A 281 10.48 0.06 2.62
N ASN A 282 11.25 -0.95 2.20
CA ASN A 282 12.64 -1.12 2.62
C ASN A 282 13.53 -0.52 1.53
N TRP A 283 13.62 0.80 1.53
CA TRP A 283 14.26 1.52 0.42
C TRP A 283 15.30 2.53 0.89
N ASP A 284 16.37 2.63 0.10
CA ASP A 284 17.25 3.80 0.11
C ASP A 284 16.59 4.86 -0.75
N TRP A 285 15.88 5.80 -0.14
CA TRP A 285 15.02 6.67 -0.94
C TRP A 285 15.83 7.63 -1.81
N GLU A 286 17.04 7.98 -1.36
CA GLU A 286 17.93 8.80 -2.17
C GLU A 286 18.29 8.10 -3.47
N TYR A 287 18.64 6.82 -3.37
CA TYR A 287 19.01 6.05 -4.55
C TYR A 287 17.84 5.93 -5.53
N TRP A 288 16.65 5.63 -5.01
CA TRP A 288 15.52 5.41 -5.90
C TRP A 288 15.01 6.72 -6.51
N SER A 289 15.18 7.84 -5.80
CA SER A 289 14.82 9.13 -6.39
C SER A 289 15.69 9.45 -7.60
N ASN A 290 17.00 9.22 -7.47
CA ASN A 290 17.89 9.48 -8.60
C ASN A 290 17.63 8.50 -9.73
N LYS A 291 17.32 7.25 -9.40
CA LYS A 291 17.16 6.22 -10.43
C LYS A 291 15.86 6.40 -11.21
N ASN A 292 14.75 6.60 -10.49
CA ASN A 292 13.44 6.67 -11.13
C ASN A 292 12.93 8.10 -11.31
N GLY A 293 13.66 9.10 -10.83
CA GLY A 293 13.25 10.47 -11.04
C GLY A 293 12.02 10.90 -10.29
N PHE A 294 11.79 10.36 -9.11
CA PHE A 294 10.69 10.82 -8.28
C PHE A 294 11.22 11.72 -7.18
N PRO A 295 10.37 12.55 -6.55
CA PRO A 295 10.89 13.56 -5.60
C PRO A 295 10.95 13.06 -4.15
N TRP A 296 11.76 12.05 -3.90
CA TRP A 296 11.89 11.50 -2.55
C TRP A 296 13.31 11.64 -2.02
N HIS A 297 14.06 12.63 -2.51
CA HIS A 297 15.52 12.61 -2.38
C HIS A 297 15.98 12.68 -0.93
N ASP A 298 15.21 13.36 -0.08
CA ASP A 298 15.60 13.58 1.31
C ASP A 298 14.80 12.73 2.29
N TRP A 299 14.16 11.65 1.81
CA TRP A 299 13.33 10.86 2.71
C TRP A 299 14.16 10.00 3.66
N LYS A 300 15.46 9.82 3.37
CA LYS A 300 16.45 9.11 4.18
C LYS A 300 16.45 7.60 3.93
N ASP A 301 17.38 6.87 4.56
CA ASP A 301 17.63 5.47 4.27
C ASP A 301 16.75 4.59 5.14
N ALA A 302 15.80 3.87 4.53
CA ALA A 302 14.84 3.06 5.26
C ALA A 302 15.19 1.58 5.26
N ARG A 303 16.38 1.20 4.79
CA ARG A 303 16.77 -0.21 4.70
C ARG A 303 17.12 -0.72 6.10
N ILE A 304 16.25 -1.56 6.67
CA ILE A 304 16.47 -1.93 8.07
C ILE A 304 17.74 -2.76 8.24
N GLU A 305 18.21 -3.43 7.18
CA GLU A 305 19.41 -4.25 7.29
C GLU A 305 20.67 -3.41 7.47
N LYS A 306 20.58 -2.10 7.26
CA LYS A 306 21.71 -1.17 7.31
C LYS A 306 21.98 -0.62 8.70
N ASN A 307 21.20 -1.01 9.71
CA ASN A 307 21.51 -0.61 11.07
C ASN A 307 21.23 -1.76 12.03
N PRO A 308 22.25 -2.22 12.77
CA PRO A 308 22.04 -3.42 13.61
C PRO A 308 20.96 -3.23 14.66
N PHE A 309 20.91 -2.08 15.31
CA PHE A 309 19.89 -1.85 16.34
C PHE A 309 18.49 -1.94 15.77
N VAL A 310 18.24 -1.23 14.68
CA VAL A 310 16.89 -1.22 14.11
C VAL A 310 16.56 -2.59 13.54
N LEU A 311 17.51 -3.23 12.86
CA LEU A 311 17.28 -4.58 12.34
C LEU A 311 16.84 -5.52 13.46
N GLU A 312 17.58 -5.55 14.57
CA GLU A 312 17.25 -6.46 15.66
C GLU A 312 15.92 -6.09 16.31
N ALA A 313 15.67 -4.80 16.51
CA ALA A 313 14.40 -4.39 17.10
C ALA A 313 13.24 -4.74 16.19
N TYR A 314 13.43 -4.58 14.89
CA TYR A 314 12.35 -4.87 13.95
C TYR A 314 12.07 -6.36 13.87
N LYS A 315 13.14 -7.18 13.80
CA LYS A 315 12.96 -8.63 13.85
C LYS A 315 12.20 -9.04 15.10
N THR A 316 12.52 -8.45 16.24
CA THR A 316 11.82 -8.78 17.48
C THR A 316 10.33 -8.46 17.38
N GLU A 317 9.98 -7.31 16.80
CA GLU A 317 8.56 -7.01 16.61
C GLU A 317 7.88 -8.04 15.71
N MET A 318 8.58 -8.53 14.68
CA MET A 318 7.98 -9.52 13.78
C MET A 318 7.76 -10.86 14.45
N GLU A 319 8.38 -11.09 15.62
CA GLU A 319 8.12 -12.31 16.38
C GLU A 319 6.80 -12.24 17.15
N ASN A 320 6.20 -11.05 17.29
CA ASN A 320 4.86 -10.92 17.86
C ASN A 320 3.90 -11.82 17.09
N PRO A 321 3.18 -12.72 17.78
CA PRO A 321 2.28 -13.65 17.07
C PRO A 321 1.15 -12.99 16.31
N ILE A 322 0.85 -11.71 16.58
CA ILE A 322 -0.23 -11.06 15.84
C ILE A 322 0.07 -11.03 14.34
N PHE A 323 1.35 -11.02 13.95
CA PHE A 323 1.71 -10.83 12.55
C PHE A 323 1.61 -12.13 11.78
N ILE A 324 1.00 -12.07 10.60
CA ILE A 324 0.81 -13.22 9.72
C ILE A 324 1.88 -13.17 8.65
N HIS A 325 2.80 -14.13 8.70
CA HIS A 325 3.87 -14.28 7.74
C HIS A 325 3.53 -15.38 6.73
N LEU A 326 4.49 -15.67 5.85
CA LEU A 326 4.54 -16.84 4.97
C LEU A 326 3.63 -16.66 3.77
#